data_5CP9
#
_entry.id   5CP9
#
_cell.length_a   53.387
_cell.length_b   63.649
_cell.length_c   57.198
_cell.angle_alpha   90.00
_cell.angle_beta   95.24
_cell.angle_gamma   90.00
#
_symmetry.space_group_name_H-M   'P 1 21 1'
#
loop_
_entity.id
_entity.type
_entity.pdbx_description
1 polymer 'Hepatocyte growth factor'
2 non-polymer '3-(furan-2-yl)propanoic acid'
3 non-polymer 1,2-ETHANEDIOL
4 water water
#
_entity_poly.entity_id   1
_entity_poly.type   'polypeptide(L)'
_entity_poly.pdbx_seq_one_letter_code
;YVEGQRKRRNTIHEFKKSAKTTLIKIDPALKIKTKKVNTADQCANRCTRNKGLPFTCKAFVFDKARKQCLWFPFNSMSSG
VKKEFGHEFDLYENKDYIRNCIIGKGRSYKGTVSITKSGIKCQPWSSMIPHEHSFLPSSYRGKDLQENYCRNPRGEEGGP
WCFTSNPEVRYEVCDIPQCSEVE
;
_entity_poly.pdbx_strand_id   A,B
#
# COMPACT_ATOMS: atom_id res chain seq x y z
N THR A 11 -5.53 -12.06 -4.42
CA THR A 11 -4.39 -11.90 -3.46
C THR A 11 -3.10 -11.46 -4.16
N ILE A 12 -2.84 -12.08 -5.32
CA ILE A 12 -1.64 -11.79 -6.10
C ILE A 12 -1.61 -10.34 -6.61
N HIS A 13 -2.77 -9.68 -6.57
CA HIS A 13 -2.91 -8.29 -7.03
C HIS A 13 -2.59 -7.27 -5.94
N GLU A 14 -2.24 -7.76 -4.75
CA GLU A 14 -1.68 -6.88 -3.73
C GLU A 14 -0.16 -6.80 -3.83
N PHE A 15 0.35 -7.31 -4.95
CA PHE A 15 1.79 -7.34 -5.24
C PHE A 15 2.09 -6.64 -6.55
N LYS A 16 3.24 -5.97 -6.58
CA LYS A 16 3.79 -5.45 -7.81
C LYS A 16 4.65 -6.53 -8.46
N LYS A 17 4.32 -6.87 -9.70
CA LYS A 17 5.01 -7.95 -10.42
C LYS A 17 6.12 -7.41 -11.33
N SER A 18 7.31 -7.98 -11.21
CA SER A 18 8.40 -7.70 -12.14
C SER A 18 8.79 -8.99 -12.87
N ALA A 19 8.43 -9.07 -14.15
CA ALA A 19 8.70 -10.27 -14.96
C ALA A 19 10.20 -10.55 -15.11
N LYS A 20 10.54 -11.84 -15.21
CA LYS A 20 11.91 -12.27 -15.49
C LYS A 20 12.94 -11.76 -14.49
N THR A 21 12.55 -11.69 -13.23
CA THR A 21 13.40 -11.12 -12.20
C THR A 21 13.39 -12.00 -10.95
N THR A 22 14.55 -12.12 -10.32
CA THR A 22 14.65 -12.70 -9.00
C THR A 22 15.52 -11.79 -8.16
N LEU A 23 15.68 -12.14 -6.88
CA LEU A 23 16.54 -11.39 -5.96
C LEU A 23 17.55 -12.34 -5.30
N ILE A 24 18.76 -11.83 -5.07
CA ILE A 24 19.82 -12.59 -4.38
C ILE A 24 20.34 -11.80 -3.18
N LYS A 25 20.41 -12.44 -2.03
CA LYS A 25 20.88 -11.79 -0.80
C LYS A 25 22.41 -11.84 -0.67
N ILE A 26 23.01 -10.75 -0.20
CA ILE A 26 24.46 -10.72 0.07
C ILE A 26 24.78 -10.63 1.57
N ASP A 27 23.73 -10.45 2.37
CA ASP A 27 23.83 -10.58 3.82
C ASP A 27 23.32 -11.99 4.16
N PRO A 28 24.24 -12.92 4.51
CA PRO A 28 23.90 -14.32 4.74
C PRO A 28 22.94 -14.52 5.92
N ALA A 29 22.82 -13.51 6.78
CA ALA A 29 21.96 -13.58 7.96
C ALA A 29 20.47 -13.44 7.65
N LEU A 30 20.15 -12.87 6.48
CA LEU A 30 18.76 -12.66 6.08
C LEU A 30 18.06 -13.98 5.78
N LYS A 31 16.88 -14.15 6.37
CA LYS A 31 16.13 -15.41 6.28
C LYS A 31 15.47 -15.60 4.92
N ILE A 32 15.35 -16.86 4.50
CA ILE A 32 14.60 -17.24 3.30
C ILE A 32 13.83 -18.53 3.62
N LYS A 33 12.71 -18.72 2.93
CA LYS A 33 11.96 -19.97 3.02
C LYS A 33 11.52 -20.33 1.61
N THR A 34 11.64 -21.61 1.27
CA THR A 34 11.23 -22.08 -0.05
C THR A 34 10.34 -23.30 0.08
N LYS A 35 9.52 -23.52 -0.95
CA LYS A 35 8.65 -24.70 -1.03
C LYS A 35 8.22 -24.94 -2.47
N LYS A 36 8.22 -26.21 -2.85
CA LYS A 36 7.62 -26.66 -4.11
C LYS A 36 6.10 -26.48 -4.05
N VAL A 37 5.56 -25.78 -5.04
CA VAL A 37 4.14 -25.45 -5.06
C VAL A 37 3.60 -25.73 -6.49
N ASN A 38 2.36 -25.34 -6.78
CA ASN A 38 1.81 -25.49 -8.14
C ASN A 38 1.87 -24.18 -8.95
N THR A 39 1.32 -23.10 -8.39
CA THR A 39 1.24 -21.79 -9.07
C THR A 39 1.68 -20.60 -8.19
N ALA A 40 2.01 -19.48 -8.83
CA ALA A 40 2.43 -18.26 -8.14
C ALA A 40 1.36 -17.73 -7.18
N ASP A 41 0.09 -17.95 -7.56
CA ASP A 41 -1.06 -17.61 -6.72
C ASP A 41 -0.96 -18.22 -5.32
N GLN A 42 -0.46 -19.44 -5.25
CA GLN A 42 -0.30 -20.17 -3.99
C GLN A 42 0.81 -19.56 -3.14
N CYS A 43 1.85 -19.04 -3.79
CA CYS A 43 2.89 -18.27 -3.10
C CYS A 43 2.31 -16.99 -2.50
N ALA A 44 1.47 -16.29 -3.27
CA ALA A 44 0.87 -15.02 -2.84
C ALA A 44 0.04 -15.23 -1.57
N ASN A 45 -0.76 -16.29 -1.61
CA ASN A 45 -1.59 -16.72 -0.49
C ASN A 45 -0.81 -16.84 0.80
N ARG A 46 0.21 -17.68 0.78
CA ARG A 46 1.05 -17.91 1.95
C ARG A 46 1.75 -16.63 2.43
N CYS A 47 2.24 -15.83 1.47
CA CYS A 47 2.88 -14.54 1.80
C CYS A 47 1.90 -13.55 2.48
N THR A 48 0.74 -13.35 1.86
CA THR A 48 -0.32 -12.50 2.44
C THR A 48 -0.78 -12.98 3.83
N ARG A 49 -0.99 -14.29 3.99
CA ARG A 49 -1.46 -14.83 5.27
C ARG A 49 -0.30 -14.95 6.26
N ASN A 50 0.92 -14.89 5.76
CA ASN A 50 2.15 -15.00 6.56
C ASN A 50 2.18 -16.20 7.50
N LYS A 51 1.61 -17.32 7.05
CA LYS A 51 1.55 -18.53 7.85
C LYS A 51 2.78 -19.40 7.64
N GLY A 52 3.40 -19.83 8.74
CA GLY A 52 4.55 -20.73 8.69
C GLY A 52 5.83 -20.08 8.20
N LEU A 53 5.86 -18.75 8.22
CA LEU A 53 7.06 -18.00 7.87
C LEU A 53 7.57 -17.30 9.11
N PRO A 54 8.85 -17.55 9.48
CA PRO A 54 9.47 -16.94 10.67
C PRO A 54 10.01 -15.53 10.44
N PHE A 55 9.26 -14.72 9.70
CA PHE A 55 9.64 -13.35 9.35
C PHE A 55 8.44 -12.67 8.69
N THR A 56 8.57 -11.37 8.45
CA THR A 56 7.52 -10.65 7.72
C THR A 56 7.75 -10.85 6.22
N CYS A 57 6.76 -11.41 5.53
CA CYS A 57 6.90 -11.61 4.09
C CYS A 57 6.70 -10.31 3.32
N LYS A 58 7.78 -9.82 2.71
CA LYS A 58 7.71 -8.56 1.97
C LYS A 58 7.69 -8.77 0.46
N ALA A 59 8.09 -9.96 0.02
CA ALA A 59 8.12 -10.29 -1.41
C ALA A 59 8.30 -11.80 -1.58
N PHE A 60 8.05 -12.26 -2.78
CA PHE A 60 8.35 -13.65 -3.08
C PHE A 60 8.70 -13.75 -4.55
N VAL A 61 9.46 -14.78 -4.88
CA VAL A 61 9.69 -15.09 -6.27
C VAL A 61 9.00 -16.44 -6.57
N PHE A 62 8.45 -16.57 -7.76
CA PHE A 62 7.98 -17.87 -8.26
C PHE A 62 8.89 -18.33 -9.38
N ASP A 63 9.52 -19.48 -9.17
CA ASP A 63 10.29 -20.18 -10.20
C ASP A 63 9.32 -21.03 -11.01
N LYS A 64 9.05 -20.58 -12.23
CA LYS A 64 8.06 -21.22 -13.11
C LYS A 64 8.51 -22.57 -13.67
N ALA A 65 9.83 -22.76 -13.72
CA ALA A 65 10.45 -24.01 -14.21
C ALA A 65 10.40 -25.11 -13.17
N ARG A 66 10.80 -24.77 -11.94
CA ARG A 66 10.80 -25.71 -10.84
C ARG A 66 9.50 -25.69 -10.04
N LYS A 67 8.63 -24.73 -10.35
CA LYS A 67 7.39 -24.46 -9.60
C LYS A 67 7.61 -24.29 -8.10
N GLN A 68 8.59 -23.46 -7.75
CA GLN A 68 9.00 -23.26 -6.38
C GLN A 68 8.75 -21.81 -5.95
N CYS A 69 8.22 -21.63 -4.75
CA CYS A 69 8.11 -20.29 -4.14
C CYS A 69 9.36 -20.02 -3.33
N LEU A 70 9.85 -18.79 -3.41
CA LEU A 70 10.91 -18.31 -2.55
C LEU A 70 10.34 -17.09 -1.85
N TRP A 71 10.11 -17.19 -0.54
CA TRP A 71 9.54 -16.07 0.24
C TRP A 71 10.63 -15.30 0.96
N PHE A 72 10.55 -13.97 0.95
CA PHE A 72 11.61 -13.13 1.51
C PHE A 72 11.09 -12.12 2.52
N PRO A 73 11.89 -11.84 3.58
CA PRO A 73 11.64 -10.70 4.47
C PRO A 73 12.32 -9.42 3.94
N PHE A 74 12.44 -9.30 2.62
CA PHE A 74 13.04 -8.15 1.96
C PHE A 74 12.47 -8.00 0.56
N ASN A 75 12.72 -6.86 -0.07
CA ASN A 75 12.36 -6.65 -1.47
C ASN A 75 13.54 -6.05 -2.25
N SER A 76 13.29 -5.57 -3.46
CA SER A 76 14.35 -5.01 -4.32
C SER A 76 14.94 -3.67 -3.85
N MET A 77 14.32 -3.04 -2.86
CA MET A 77 14.81 -1.75 -2.33
C MET A 77 15.61 -1.91 -1.02
N SER A 78 15.64 -3.14 -0.50
CA SER A 78 16.36 -3.44 0.72
C SER A 78 17.86 -3.43 0.46
N SER A 79 18.64 -2.96 1.43
CA SER A 79 20.09 -3.04 1.31
C SER A 79 20.53 -4.46 1.65
N GLY A 80 21.40 -5.02 0.82
CA GLY A 80 21.92 -6.36 1.05
C GLY A 80 21.31 -7.40 0.13
N VAL A 81 20.74 -6.95 -0.98
CA VAL A 81 20.06 -7.80 -1.96
C VAL A 81 20.18 -7.24 -3.39
N LYS A 82 20.27 -8.13 -4.38
CA LYS A 82 20.46 -7.74 -5.78
C LYS A 82 19.37 -8.25 -6.73
N LYS A 83 18.89 -7.35 -7.58
CA LYS A 83 17.93 -7.68 -8.64
C LYS A 83 18.68 -8.35 -9.80
N GLU A 84 18.25 -9.55 -10.19
CA GLU A 84 18.89 -10.26 -11.29
C GLU A 84 17.91 -10.81 -12.32
N PHE A 85 18.30 -10.74 -13.60
CA PHE A 85 17.50 -11.31 -14.68
C PHE A 85 17.51 -12.83 -14.63
N GLY A 86 16.36 -13.42 -14.93
CA GLY A 86 16.23 -14.86 -15.10
C GLY A 86 14.89 -15.15 -15.72
N HIS A 87 14.90 -15.75 -16.92
CA HIS A 87 13.66 -15.96 -17.69
C HIS A 87 12.58 -16.80 -16.99
N GLU A 88 12.99 -17.69 -16.07
CA GLU A 88 12.03 -18.55 -15.38
C GLU A 88 11.46 -17.97 -14.08
N PHE A 89 11.95 -16.79 -13.68
CA PHE A 89 11.50 -16.17 -12.41
C PHE A 89 10.54 -15.00 -12.63
N ASP A 90 9.61 -14.84 -11.70
CA ASP A 90 8.80 -13.62 -11.62
C ASP A 90 8.90 -13.15 -10.18
N LEU A 91 9.15 -11.86 -10.00
CA LEU A 91 9.23 -11.28 -8.67
C LEU A 91 7.92 -10.58 -8.33
N TYR A 92 7.43 -10.80 -7.12
CA TYR A 92 6.19 -10.21 -6.63
C TYR A 92 6.50 -9.49 -5.33
N GLU A 93 6.31 -8.18 -5.32
CA GLU A 93 6.66 -7.39 -4.14
C GLU A 93 5.40 -6.89 -3.45
N ASN A 94 5.31 -7.16 -2.16
CA ASN A 94 4.15 -6.78 -1.33
C ASN A 94 4.06 -5.26 -1.28
N LYS A 95 2.92 -4.70 -1.72
CA LYS A 95 2.74 -3.26 -1.82
C LYS A 95 2.87 -2.51 -0.50
N ASP A 96 2.64 -3.19 0.63
CA ASP A 96 2.81 -2.57 1.95
C ASP A 96 4.26 -2.18 2.24
N TYR A 97 5.19 -2.66 1.41
CA TYR A 97 6.61 -2.44 1.64
C TYR A 97 7.30 -1.71 0.50
N ILE A 98 6.50 -1.20 -0.43
CA ILE A 98 7.03 -0.31 -1.47
C ILE A 98 6.57 1.09 -1.11
N ARG A 99 7.51 1.98 -0.83
CA ARG A 99 7.18 3.30 -0.32
C ARG A 99 6.09 3.97 -1.17
N ASN A 100 4.99 4.37 -0.55
CA ASN A 100 3.86 4.95 -1.28
C ASN A 100 3.70 6.46 -1.16
N CYS A 101 4.76 7.10 -0.72
CA CYS A 101 4.83 8.57 -0.69
C CYS A 101 6.12 9.01 -1.38
N ILE A 102 6.17 10.29 -1.73
CA ILE A 102 7.26 10.89 -2.48
C ILE A 102 8.29 11.60 -1.62
N ILE A 103 9.55 11.38 -1.94
CA ILE A 103 10.67 12.15 -1.39
C ILE A 103 11.14 13.10 -2.49
N GLY A 104 11.34 14.38 -2.13
CA GLY A 104 11.76 15.36 -3.11
C GLY A 104 10.77 15.47 -4.25
N LYS A 105 11.25 15.23 -5.47
CA LYS A 105 10.45 15.30 -6.69
C LYS A 105 9.93 13.92 -7.11
N GLY A 106 10.32 12.87 -6.37
CA GLY A 106 9.78 11.54 -6.65
C GLY A 106 10.50 10.79 -7.75
N ARG A 107 11.77 11.13 -7.96
CA ARG A 107 12.64 10.42 -8.91
C ARG A 107 12.69 8.93 -8.57
N SER A 108 12.66 8.60 -7.27
CA SER A 108 12.80 7.21 -6.86
C SER A 108 11.48 6.50 -6.61
N TYR A 109 10.36 7.11 -6.98
CA TYR A 109 9.04 6.49 -6.78
C TYR A 109 8.89 5.22 -7.62
N LYS A 110 8.56 4.11 -6.95
CA LYS A 110 8.41 2.79 -7.59
C LYS A 110 7.07 2.12 -7.25
N GLY A 111 6.14 2.88 -6.68
CA GLY A 111 4.81 2.34 -6.36
C GLY A 111 3.97 2.10 -7.62
N THR A 112 2.73 1.67 -7.43
CA THR A 112 1.90 1.17 -8.53
C THR A 112 0.70 2.05 -8.89
N VAL A 113 0.68 3.29 -8.40
CA VAL A 113 -0.37 4.23 -8.77
C VAL A 113 -0.30 4.53 -10.28
N SER A 114 -1.46 4.46 -10.94
CA SER A 114 -1.55 4.54 -12.40
C SER A 114 -2.71 5.44 -12.85
N ILE A 115 -3.05 6.43 -12.01
CA ILE A 115 -4.17 7.34 -12.21
C ILE A 115 -3.63 8.78 -12.07
N THR A 116 -4.02 9.67 -12.99
CA THR A 116 -3.59 11.09 -12.90
C THR A 116 -4.39 11.83 -11.84
N LYS A 117 -3.99 13.07 -11.55
CA LYS A 117 -4.69 13.89 -10.55
C LYS A 117 -6.18 14.11 -10.88
N SER A 118 -6.51 14.24 -12.17
CA SER A 118 -7.91 14.46 -12.57
C SER A 118 -8.65 13.14 -12.82
N GLY A 119 -8.04 12.03 -12.40
CA GLY A 119 -8.70 10.72 -12.42
C GLY A 119 -8.58 9.93 -13.71
N ILE A 120 -7.65 10.33 -14.58
CA ILE A 120 -7.49 9.66 -15.87
C ILE A 120 -6.55 8.46 -15.76
N LYS A 121 -6.95 7.32 -16.31
CA LYS A 121 -6.05 6.17 -16.42
C LYS A 121 -4.82 6.51 -17.26
N CYS A 122 -3.63 6.21 -16.72
CA CYS A 122 -2.36 6.44 -17.42
C CYS A 122 -2.20 5.57 -18.67
N GLN A 123 -1.50 6.12 -19.65
CA GLN A 123 -1.10 5.36 -20.83
C GLN A 123 0.14 4.53 -20.50
N PRO A 124 0.16 3.24 -20.90
CA PRO A 124 1.37 2.43 -20.75
C PRO A 124 2.58 3.09 -21.40
N TRP A 125 3.72 3.01 -20.73
CA TRP A 125 4.95 3.63 -21.23
C TRP A 125 5.42 3.04 -22.58
N SER A 126 5.15 1.75 -22.77
N SER A 126 5.13 1.75 -22.78
CA SER A 126 5.54 1.06 -24.00
CA SER A 126 5.51 1.02 -23.99
C SER A 126 4.61 1.42 -25.17
C SER A 126 4.46 1.08 -25.11
N SER A 127 3.38 1.82 -24.86
CA SER A 127 2.39 2.13 -25.89
C SER A 127 2.65 3.51 -26.51
N MET A 128 2.17 3.70 -27.74
CA MET A 128 2.31 4.99 -28.43
C MET A 128 0.95 5.59 -28.76
N ILE A 129 -0.11 4.93 -28.27
CA ILE A 129 -1.49 5.36 -28.45
C ILE A 129 -2.08 5.70 -27.08
N PRO A 130 -2.74 6.87 -26.94
CA PRO A 130 -2.93 7.90 -27.98
C PRO A 130 -1.74 8.82 -28.21
N HIS A 131 -0.75 8.81 -27.32
CA HIS A 131 0.34 9.78 -27.36
C HIS A 131 1.70 9.18 -27.70
N GLU A 132 2.37 9.80 -28.68
CA GLU A 132 3.70 9.37 -29.12
C GLU A 132 4.76 10.07 -28.29
N HIS A 133 5.78 9.32 -27.89
CA HIS A 133 6.80 9.85 -26.98
C HIS A 133 8.12 9.09 -27.07
N SER A 134 9.19 9.72 -26.59
CA SER A 134 10.51 9.10 -26.57
C SER A 134 10.92 8.58 -25.18
N PHE A 135 9.95 8.53 -24.25
CA PHE A 135 10.16 7.94 -22.92
C PHE A 135 10.08 6.41 -22.99
N LEU A 136 11.06 5.82 -23.65
CA LEU A 136 11.17 4.38 -23.83
C LEU A 136 11.80 3.73 -22.59
N PRO A 137 11.22 2.60 -22.13
CA PRO A 137 11.73 1.85 -20.97
C PRO A 137 13.21 1.49 -21.05
N SER A 138 13.64 0.91 -22.17
CA SER A 138 15.03 0.44 -22.34
C SER A 138 16.05 1.56 -22.27
N SER A 139 15.70 2.72 -22.84
CA SER A 139 16.56 3.90 -22.80
C SER A 139 16.38 4.70 -21.50
N TYR A 140 15.67 4.11 -20.55
CA TYR A 140 15.54 4.67 -19.20
C TYR A 140 15.67 3.56 -18.17
N ARG A 141 16.69 2.73 -18.34
CA ARG A 141 17.01 1.65 -17.40
C ARG A 141 17.14 2.20 -15.99
N GLY A 142 16.64 1.46 -15.01
CA GLY A 142 16.67 1.88 -13.61
C GLY A 142 15.49 2.73 -13.16
N LYS A 143 14.83 3.39 -14.10
CA LYS A 143 13.70 4.29 -13.79
C LYS A 143 12.33 3.60 -13.62
N ASP A 144 12.32 2.28 -13.86
CA ASP A 144 11.13 1.44 -13.71
C ASP A 144 9.93 1.97 -14.52
N LEU A 145 10.13 2.25 -15.80
CA LEU A 145 9.03 2.68 -16.66
C LEU A 145 8.26 1.46 -17.19
N GLN A 146 7.66 0.70 -16.26
CA GLN A 146 6.89 -0.49 -16.60
C GLN A 146 5.40 -0.19 -16.52
N GLU A 147 4.59 -1.05 -17.14
CA GLU A 147 3.14 -0.90 -17.18
C GLU A 147 2.74 0.56 -17.46
N ASN A 148 1.77 1.08 -16.71
CA ASN A 148 1.31 2.47 -16.83
C ASN A 148 1.45 3.23 -15.51
N TYR A 149 2.55 2.97 -14.79
CA TYR A 149 2.76 3.57 -13.48
C TYR A 149 3.19 5.03 -13.58
N CYS A 150 2.71 5.82 -12.64
CA CYS A 150 3.14 7.20 -12.50
C CYS A 150 4.63 7.20 -12.16
N ARG A 151 5.41 7.96 -12.92
CA ARG A 151 6.86 7.99 -12.76
C ARG A 151 7.42 9.40 -12.99
N ASN A 152 8.63 9.65 -12.48
CA ASN A 152 9.27 10.94 -12.68
C ASN A 152 10.73 10.78 -13.11
N PRO A 153 10.95 10.17 -14.29
CA PRO A 153 12.29 9.76 -14.78
C PRO A 153 13.34 10.88 -14.83
N ARG A 154 12.90 12.12 -15.04
CA ARG A 154 13.83 13.24 -15.18
C ARG A 154 13.83 14.18 -13.97
N GLY A 155 13.11 13.80 -12.92
CA GLY A 155 13.05 14.61 -11.70
C GLY A 155 12.45 15.98 -11.88
N GLU A 156 11.34 16.04 -12.62
CA GLU A 156 10.67 17.30 -12.94
C GLU A 156 9.77 17.78 -11.81
N GLU A 157 9.41 19.07 -11.87
CA GLU A 157 8.79 19.79 -10.76
C GLU A 157 7.61 19.13 -10.05
N GLY A 158 6.59 18.74 -10.80
CA GLY A 158 5.33 18.29 -10.22
C GLY A 158 5.27 16.91 -9.58
N GLY A 159 6.37 16.16 -9.62
CA GLY A 159 6.37 14.77 -9.14
C GLY A 159 6.01 13.78 -10.24
N PRO A 160 5.73 12.51 -9.86
CA PRO A 160 5.38 11.47 -10.82
C PRO A 160 4.18 11.83 -11.67
N TRP A 161 4.23 11.43 -12.94
CA TRP A 161 3.27 11.81 -13.94
C TRP A 161 3.16 10.67 -14.93
N CYS A 162 2.27 10.81 -15.92
CA CYS A 162 2.21 9.84 -16.99
C CYS A 162 1.59 10.46 -18.23
N PHE A 163 1.81 9.81 -19.36
CA PHE A 163 0.98 10.06 -20.52
C PHE A 163 -0.37 9.45 -20.21
N THR A 164 -1.40 10.14 -20.68
CA THR A 164 -2.77 9.91 -20.30
C THR A 164 -3.51 9.11 -21.38
N SER A 165 -4.45 8.25 -20.98
CA SER A 165 -5.28 7.51 -21.95
C SER A 165 -6.34 8.37 -22.65
N ASN A 166 -6.50 9.62 -22.19
CA ASN A 166 -7.38 10.58 -22.87
C ASN A 166 -6.61 11.30 -23.97
N PRO A 167 -7.04 11.16 -25.24
CA PRO A 167 -6.34 11.76 -26.39
C PRO A 167 -6.22 13.29 -26.30
N GLU A 168 -7.05 13.93 -25.47
CA GLU A 168 -7.04 15.39 -25.34
C GLU A 168 -6.14 15.89 -24.20
N VAL A 169 -5.57 14.97 -23.43
CA VAL A 169 -4.63 15.35 -22.36
C VAL A 169 -3.35 14.57 -22.56
N ARG A 170 -2.33 15.23 -23.13
CA ARG A 170 -1.07 14.54 -23.42
C ARG A 170 -0.51 13.88 -22.17
N TYR A 171 -0.26 14.69 -21.15
CA TYR A 171 0.30 14.21 -19.90
C TYR A 171 -0.23 15.02 -18.71
N GLU A 172 -0.27 14.38 -17.55
CA GLU A 172 -0.69 15.05 -16.31
C GLU A 172 0.02 14.40 -15.13
N VAL A 173 0.31 15.19 -14.10
CA VAL A 173 0.86 14.61 -12.88
C VAL A 173 -0.19 13.75 -12.19
N CYS A 174 0.30 12.81 -11.40
CA CYS A 174 -0.56 12.00 -10.56
C CYS A 174 -0.71 12.71 -9.21
N ASP A 175 -1.33 12.04 -8.25
CA ASP A 175 -1.67 12.70 -6.99
C ASP A 175 -1.02 11.95 -5.81
N ILE A 176 0.26 11.61 -5.96
CA ILE A 176 0.97 10.84 -4.93
C ILE A 176 1.45 11.82 -3.85
N PRO A 177 1.07 11.57 -2.59
CA PRO A 177 1.44 12.52 -1.56
C PRO A 177 2.94 12.56 -1.28
N GLN A 178 3.44 13.73 -0.88
CA GLN A 178 4.78 13.84 -0.27
C GLN A 178 4.79 13.05 1.03
N CYS A 179 5.94 12.45 1.37
CA CYS A 179 6.06 11.80 2.66
C CYS A 179 5.88 12.79 3.83
N SER A 180 6.09 14.08 3.55
CA SER A 180 6.00 15.12 4.59
C SER A 180 4.61 15.75 4.71
N GLU A 181 3.70 15.32 3.85
CA GLU A 181 2.34 15.89 3.79
C GLU A 181 1.55 15.66 5.07
N VAL A 182 1.73 14.48 5.67
CA VAL A 182 0.93 14.05 6.81
C VAL A 182 1.79 13.96 8.06
N GLU A 183 1.21 14.34 9.20
CA GLU A 183 1.85 14.28 10.53
C GLU A 183 3.23 13.62 10.59
N ASN B 10 -13.54 -8.14 -6.90
CA ASN B 10 -13.96 -7.82 -5.51
C ASN B 10 -12.75 -7.37 -4.69
N THR B 11 -12.60 -6.04 -4.57
CA THR B 11 -11.39 -5.43 -4.02
C THR B 11 -11.58 -4.81 -2.63
N ILE B 12 -12.74 -5.04 -2.00
CA ILE B 12 -13.07 -4.36 -0.74
C ILE B 12 -12.10 -4.70 0.39
N HIS B 13 -11.73 -5.97 0.45
CA HIS B 13 -10.82 -6.48 1.46
C HIS B 13 -9.44 -5.82 1.39
N GLU B 14 -9.16 -5.12 0.28
CA GLU B 14 -7.91 -4.37 0.08
C GLU B 14 -7.87 -2.99 0.74
N PHE B 15 -9.00 -2.52 1.28
CA PHE B 15 -9.06 -1.18 1.90
C PHE B 15 -8.93 -1.28 3.41
N LYS B 16 -8.53 -0.19 4.06
CA LYS B 16 -8.55 -0.15 5.52
C LYS B 16 -9.94 0.37 5.93
N LYS B 17 -10.65 -0.44 6.70
CA LYS B 17 -12.03 -0.13 7.08
C LYS B 17 -12.11 0.46 8.47
N SER B 18 -12.84 1.57 8.58
CA SER B 18 -13.18 2.15 9.88
C SER B 18 -14.69 2.19 10.06
N ALA B 19 -15.20 1.35 10.97
CA ALA B 19 -16.66 1.26 11.20
C ALA B 19 -17.29 2.52 11.79
N LYS B 20 -18.56 2.76 11.45
CA LYS B 20 -19.36 3.84 12.05
C LYS B 20 -18.75 5.24 11.81
N THR B 21 -18.18 5.43 10.63
CA THR B 21 -17.45 6.64 10.30
C THR B 21 -17.69 7.08 8.87
N THR B 22 -17.89 8.39 8.70
CA THR B 22 -17.84 9.04 7.40
C THR B 22 -16.88 10.22 7.50
N LEU B 23 -16.70 10.94 6.39
CA LEU B 23 -15.83 12.11 6.38
C LEU B 23 -16.63 13.30 5.86
N ILE B 24 -16.41 14.46 6.45
CA ILE B 24 -17.06 15.70 6.01
C ILE B 24 -16.02 16.76 5.62
N LYS B 25 -16.41 17.63 4.69
CA LYS B 25 -15.49 18.51 3.95
C LYS B 25 -14.91 19.75 4.63
N ILE B 26 -15.65 20.38 5.55
CA ILE B 26 -15.32 21.72 6.07
C ILE B 26 -15.12 22.72 4.94
N ASP B 27 -13.90 22.72 4.38
CA ASP B 27 -13.54 23.44 3.17
C ASP B 27 -14.42 22.95 2.02
N PRO B 28 -15.37 23.80 1.56
CA PRO B 28 -16.32 23.35 0.53
C PRO B 28 -15.68 23.29 -0.86
N ALA B 29 -14.40 23.65 -0.95
CA ALA B 29 -13.65 23.58 -2.20
C ALA B 29 -13.44 22.14 -2.70
N LEU B 30 -13.23 21.21 -1.76
CA LEU B 30 -12.97 19.80 -2.10
C LEU B 30 -14.15 19.14 -2.83
N LYS B 31 -13.84 18.16 -3.68
CA LYS B 31 -14.84 17.55 -4.54
C LYS B 31 -15.26 16.17 -4.06
N ILE B 32 -16.53 15.85 -4.20
CA ILE B 32 -17.04 14.50 -3.94
C ILE B 32 -17.84 13.96 -5.12
N LYS B 33 -18.09 12.66 -5.11
CA LYS B 33 -18.98 12.01 -6.06
C LYS B 33 -19.81 10.97 -5.30
N THR B 34 -21.11 10.93 -5.55
CA THR B 34 -21.98 9.99 -4.86
C THR B 34 -22.87 9.24 -5.84
N LYS B 35 -23.28 8.03 -5.45
CA LYS B 35 -24.20 7.24 -6.26
C LYS B 35 -24.92 6.19 -5.42
N LYS B 36 -26.22 6.05 -5.66
CA LYS B 36 -27.00 4.97 -5.09
C LYS B 36 -26.58 3.62 -5.69
N VAL B 37 -26.32 2.65 -4.83
CA VAL B 37 -25.89 1.30 -5.26
C VAL B 37 -26.57 0.23 -4.40
N ASN B 38 -26.18 -1.02 -4.59
CA ASN B 38 -26.70 -2.10 -3.75
C ASN B 38 -25.80 -2.44 -2.57
N THR B 39 -24.50 -2.62 -2.82
CA THR B 39 -23.57 -3.10 -1.79
C THR B 39 -22.24 -2.32 -1.74
N ALA B 40 -21.56 -2.40 -0.60
CA ALA B 40 -20.26 -1.72 -0.40
C ALA B 40 -19.17 -2.17 -1.38
N ASP B 41 -19.15 -3.44 -1.77
CA ASP B 41 -18.17 -3.90 -2.79
C ASP B 41 -18.28 -3.20 -4.15
N GLN B 42 -19.48 -2.75 -4.50
CA GLN B 42 -19.67 -1.95 -5.71
C GLN B 42 -18.92 -0.62 -5.61
N CYS B 43 -18.92 -0.02 -4.42
CA CYS B 43 -18.15 1.20 -4.19
C CYS B 43 -16.66 0.93 -4.32
N ALA B 44 -16.23 -0.20 -3.77
CA ALA B 44 -14.81 -0.60 -3.78
C ALA B 44 -14.29 -0.76 -5.20
N ASN B 45 -15.06 -1.48 -6.02
CA ASN B 45 -14.71 -1.73 -7.42
C ASN B 45 -14.48 -0.45 -8.20
N ARG B 46 -15.42 0.49 -8.07
CA ARG B 46 -15.32 1.77 -8.77
C ARG B 46 -14.17 2.62 -8.26
N CYS B 47 -13.89 2.57 -6.95
CA CYS B 47 -12.76 3.30 -6.39
C CYS B 47 -11.43 2.74 -6.91
N THR B 48 -11.27 1.42 -6.84
CA THR B 48 -10.06 0.72 -7.25
C THR B 48 -9.75 0.93 -8.74
N ARG B 49 -10.79 0.82 -9.57
CA ARG B 49 -10.68 1.07 -11.01
C ARG B 49 -10.58 2.56 -11.34
N ASN B 50 -11.13 3.41 -10.48
CA ASN B 50 -11.20 4.87 -10.68
C ASN B 50 -12.01 5.20 -11.93
N LYS B 51 -13.04 4.41 -12.17
CA LYS B 51 -13.90 4.56 -13.34
C LYS B 51 -14.94 5.64 -13.12
N GLY B 52 -14.94 6.65 -13.98
CA GLY B 52 -15.97 7.70 -13.98
C GLY B 52 -15.83 8.74 -12.89
N LEU B 53 -14.65 8.83 -12.28
CA LEU B 53 -14.42 9.83 -11.23
C LEU B 53 -13.43 10.87 -11.74
N PRO B 54 -13.78 12.16 -11.60
CA PRO B 54 -12.92 13.25 -12.10
C PRO B 54 -11.81 13.61 -11.11
N PHE B 55 -11.31 12.62 -10.39
CA PHE B 55 -10.26 12.80 -9.37
C PHE B 55 -9.69 11.42 -8.99
N THR B 56 -8.61 11.42 -8.24
CA THR B 56 -8.01 10.20 -7.71
C THR B 56 -8.78 9.75 -6.46
N CYS B 57 -9.33 8.54 -6.51
CA CYS B 57 -10.12 8.02 -5.40
C CYS B 57 -9.20 7.53 -4.30
N LYS B 58 -9.21 8.22 -3.16
CA LYS B 58 -8.33 7.83 -2.04
C LYS B 58 -9.11 7.15 -0.91
N ALA B 59 -10.43 7.24 -0.98
CA ALA B 59 -11.29 6.66 0.06
C ALA B 59 -12.73 6.70 -0.41
N PHE B 60 -13.54 5.85 0.21
CA PHE B 60 -14.98 5.90 0.00
C PHE B 60 -15.73 5.54 1.29
N VAL B 61 -16.97 5.99 1.35
CA VAL B 61 -17.87 5.61 2.43
C VAL B 61 -19.05 4.87 1.82
N PHE B 62 -19.47 3.79 2.47
CA PHE B 62 -20.75 3.19 2.16
C PHE B 62 -21.75 3.53 3.26
N ASP B 63 -22.89 4.09 2.85
CA ASP B 63 -24.00 4.45 3.73
C ASP B 63 -24.98 3.30 3.65
N LYS B 64 -25.05 2.48 4.70
CA LYS B 64 -25.90 1.27 4.67
C LYS B 64 -27.40 1.55 4.74
N ALA B 65 -27.77 2.75 5.22
CA ALA B 65 -29.20 3.13 5.32
C ALA B 65 -29.73 3.77 4.05
N ARG B 66 -28.90 4.57 3.38
CA ARG B 66 -29.30 5.25 2.15
C ARG B 66 -28.77 4.53 0.90
N LYS B 67 -28.01 3.46 1.10
CA LYS B 67 -27.47 2.62 0.01
C LYS B 67 -26.69 3.45 -1.01
N GLN B 68 -25.76 4.23 -0.50
CA GLN B 68 -25.02 5.20 -1.29
C GLN B 68 -23.53 4.97 -1.13
N CYS B 69 -22.81 5.13 -2.24
CA CYS B 69 -21.36 5.30 -2.20
C CYS B 69 -21.05 6.79 -2.19
N LEU B 70 -20.04 7.16 -1.41
CA LEU B 70 -19.45 8.49 -1.49
C LEU B 70 -17.98 8.27 -1.77
N TRP B 71 -17.49 8.73 -2.92
CA TRP B 71 -16.07 8.59 -3.28
C TRP B 71 -15.32 9.90 -3.05
N PHE B 72 -14.14 9.83 -2.42
CA PHE B 72 -13.38 11.05 -2.07
C PHE B 72 -11.97 11.10 -2.66
N PRO B 73 -11.49 12.31 -3.03
CA PRO B 73 -10.09 12.56 -3.40
C PRO B 73 -9.24 12.90 -2.19
N PHE B 74 -9.65 12.42 -1.03
CA PHE B 74 -8.95 12.67 0.22
C PHE B 74 -9.21 11.48 1.14
N ASN B 75 -8.53 11.45 2.28
CA ASN B 75 -8.85 10.48 3.32
C ASN B 75 -8.93 11.15 4.68
N SER B 76 -9.02 10.36 5.75
CA SER B 76 -9.14 10.91 7.11
C SER B 76 -7.89 11.69 7.56
N MET B 77 -6.77 11.55 6.85
CA MET B 77 -5.53 12.30 7.19
C MET B 77 -5.40 13.63 6.44
N SER B 78 -6.27 13.86 5.46
CA SER B 78 -6.20 15.03 4.59
C SER B 78 -6.53 16.32 5.33
N SER B 79 -5.81 17.39 4.99
CA SER B 79 -6.12 18.72 5.54
C SER B 79 -7.52 19.14 5.14
N GLY B 80 -8.23 19.77 6.07
CA GLY B 80 -9.56 20.28 5.80
C GLY B 80 -10.67 19.23 5.70
N VAL B 81 -10.44 18.05 6.25
CA VAL B 81 -11.52 17.06 6.37
C VAL B 81 -11.57 16.53 7.81
N LYS B 82 -12.76 16.17 8.25
CA LYS B 82 -12.96 15.66 9.60
C LYS B 82 -13.79 14.39 9.58
N LYS B 83 -13.56 13.53 10.57
CA LYS B 83 -14.40 12.37 10.78
C LYS B 83 -15.75 12.79 11.37
N GLU B 84 -16.79 12.05 11.01
CA GLU B 84 -18.11 12.18 11.64
C GLU B 84 -18.65 10.80 11.99
N PHE B 85 -19.27 10.69 13.16
CA PHE B 85 -19.82 9.43 13.62
C PHE B 85 -21.18 9.20 13.00
N GLY B 86 -21.46 7.95 12.67
CA GLY B 86 -22.79 7.55 12.22
C GLY B 86 -22.88 6.04 12.14
N HIS B 87 -23.92 5.48 12.76
CA HIS B 87 -24.11 4.03 12.74
C HIS B 87 -24.23 3.48 11.33
N GLU B 88 -24.76 4.29 10.41
CA GLU B 88 -25.03 3.79 9.06
C GLU B 88 -23.79 3.77 8.14
N PHE B 89 -22.69 4.40 8.58
CA PHE B 89 -21.53 4.62 7.69
C PHE B 89 -20.37 3.66 7.98
N ASP B 90 -19.75 3.14 6.92
CA ASP B 90 -18.42 2.53 7.03
C ASP B 90 -17.45 3.26 6.09
N LEU B 91 -16.26 3.60 6.60
CA LEU B 91 -15.23 4.26 5.81
C LEU B 91 -14.18 3.26 5.35
N TYR B 92 -13.82 3.34 4.07
CA TYR B 92 -12.80 2.49 3.48
C TYR B 92 -11.73 3.37 2.84
N GLU B 93 -10.51 3.25 3.34
CA GLU B 93 -9.41 4.09 2.85
C GLU B 93 -8.47 3.25 2.01
N ASN B 94 -8.20 3.75 0.81
CA ASN B 94 -7.28 3.13 -0.15
C ASN B 94 -5.87 3.11 0.43
N LYS B 95 -5.32 1.91 0.60
CA LYS B 95 -4.01 1.76 1.23
C LYS B 95 -2.87 2.44 0.49
N ASP B 96 -3.07 2.72 -0.80
CA ASP B 96 -2.06 3.45 -1.57
C ASP B 96 -1.88 4.88 -1.10
N TYR B 97 -2.81 5.37 -0.27
CA TYR B 97 -2.75 6.75 0.20
C TYR B 97 -2.65 6.84 1.70
N ILE B 98 -2.35 5.68 2.34
CA ILE B 98 -2.02 5.63 3.76
C ILE B 98 -0.53 5.34 3.87
N ARG B 99 0.25 6.33 4.32
CA ARG B 99 1.71 6.22 4.32
C ARG B 99 2.15 4.90 4.95
N ASN B 100 2.93 4.13 4.20
CA ASN B 100 3.30 2.75 4.60
C ASN B 100 4.72 2.64 5.14
N CYS B 101 5.37 3.77 5.33
CA CYS B 101 6.68 3.83 5.96
C CYS B 101 6.59 4.71 7.21
N ILE B 102 7.60 4.60 8.08
CA ILE B 102 7.56 5.35 9.33
C ILE B 102 8.46 6.59 9.29
N ILE B 103 7.99 7.65 9.94
CA ILE B 103 8.77 8.86 10.20
C ILE B 103 9.21 8.77 11.66
N GLY B 104 10.52 8.86 11.91
CA GLY B 104 11.05 8.81 13.27
C GLY B 104 10.77 7.49 13.97
N LYS B 105 10.10 7.55 15.11
CA LYS B 105 9.74 6.33 15.85
C LYS B 105 8.35 5.83 15.45
N GLY B 106 7.74 6.49 14.45
CA GLY B 106 6.40 6.11 13.97
C GLY B 106 5.22 6.26 14.92
N ARG B 107 5.27 7.27 15.78
CA ARG B 107 4.12 7.62 16.63
C ARG B 107 2.87 7.81 15.79
N SER B 108 3.04 8.37 14.59
CA SER B 108 1.93 8.70 13.71
C SER B 108 1.61 7.63 12.65
N TYR B 109 2.26 6.47 12.74
CA TYR B 109 2.01 5.39 11.77
C TYR B 109 0.53 4.93 11.82
N LYS B 110 -0.12 4.88 10.67
CA LYS B 110 -1.55 4.52 10.55
C LYS B 110 -1.79 3.41 9.53
N GLY B 111 -0.71 2.76 9.12
CA GLY B 111 -0.77 1.66 8.14
C GLY B 111 -1.32 0.39 8.75
N THR B 112 -1.43 -0.65 7.95
CA THR B 112 -2.17 -1.86 8.34
C THR B 112 -1.29 -3.10 8.62
N VAL B 113 0.03 -2.94 8.62
CA VAL B 113 0.94 -4.06 8.98
C VAL B 113 0.55 -4.59 10.36
N SER B 114 0.38 -5.91 10.46
CA SER B 114 -0.19 -6.54 11.66
C SER B 114 0.54 -7.83 12.03
N ILE B 115 1.81 -7.91 11.65
CA ILE B 115 2.69 -9.06 11.92
C ILE B 115 4.00 -8.50 12.48
N THR B 116 4.57 -9.21 13.45
CA THR B 116 5.80 -8.79 14.09
C THR B 116 7.01 -9.16 13.22
N LYS B 117 8.19 -8.68 13.63
CA LYS B 117 9.43 -8.96 12.89
C LYS B 117 9.71 -10.46 12.71
N SER B 118 9.32 -11.28 13.69
CA SER B 118 9.56 -12.73 13.58
C SER B 118 8.37 -13.47 12.95
N GLY B 119 7.44 -12.73 12.36
CA GLY B 119 6.31 -13.32 11.66
C GLY B 119 5.12 -13.74 12.49
N ILE B 120 5.01 -13.22 13.72
CA ILE B 120 3.88 -13.59 14.59
C ILE B 120 2.70 -12.65 14.34
N LYS B 121 1.50 -13.19 14.14
CA LYS B 121 0.32 -12.36 14.00
C LYS B 121 0.05 -11.59 15.28
N CYS B 122 -0.16 -10.27 15.15
CA CYS B 122 -0.44 -9.41 16.30
C CYS B 122 -1.77 -9.76 16.97
N GLN B 123 -1.80 -9.59 18.28
CA GLN B 123 -3.04 -9.63 19.07
C GLN B 123 -3.84 -8.32 18.90
N PRO B 124 -5.18 -8.42 18.86
CA PRO B 124 -5.96 -7.17 18.79
C PRO B 124 -5.78 -6.32 20.04
N TRP B 125 -5.68 -5.00 19.86
CA TRP B 125 -5.61 -4.04 20.98
C TRP B 125 -6.83 -4.18 21.92
N SER B 126 -8.00 -4.50 21.36
CA SER B 126 -9.23 -4.59 22.15
C SER B 126 -9.34 -5.90 22.93
N SER B 127 -8.37 -6.81 22.73
CA SER B 127 -8.36 -8.12 23.38
C SER B 127 -7.35 -8.20 24.51
N MET B 128 -7.66 -9.04 25.51
CA MET B 128 -6.76 -9.33 26.61
C MET B 128 -6.22 -10.77 26.51
N ILE B 129 -6.38 -11.36 25.34
CA ILE B 129 -5.94 -12.73 25.04
C ILE B 129 -5.00 -12.75 23.83
N PRO B 130 -3.79 -13.33 23.99
CA PRO B 130 -3.22 -13.97 25.20
C PRO B 130 -2.81 -13.02 26.31
N HIS B 131 -2.54 -11.76 25.97
CA HIS B 131 -1.88 -10.86 26.92
C HIS B 131 -2.76 -9.77 27.49
N GLU B 132 -2.79 -9.68 28.82
CA GLU B 132 -3.49 -8.60 29.49
C GLU B 132 -2.62 -7.36 29.41
N HIS B 133 -3.25 -6.21 29.16
CA HIS B 133 -2.49 -4.98 28.95
C HIS B 133 -3.40 -3.79 29.20
N SER B 134 -2.81 -2.60 29.26
CA SER B 134 -3.58 -1.39 29.52
C SER B 134 -3.60 -0.42 28.33
N PHE B 135 -3.19 -0.91 27.15
CA PHE B 135 -3.22 -0.11 25.91
C PHE B 135 -4.59 -0.18 25.25
N LEU B 136 -5.61 0.19 26.02
CA LEU B 136 -6.99 0.24 25.55
C LEU B 136 -7.10 1.33 24.48
N PRO B 137 -7.81 1.04 23.38
CA PRO B 137 -8.04 2.01 22.32
C PRO B 137 -8.54 3.36 22.84
N SER B 138 -9.49 3.33 23.79
CA SER B 138 -10.06 4.57 24.36
C SER B 138 -9.07 5.40 25.19
N SER B 139 -8.09 4.74 25.80
CA SER B 139 -7.02 5.43 26.53
C SER B 139 -6.01 6.12 25.59
N TYR B 140 -6.00 5.71 24.32
CA TYR B 140 -5.04 6.25 23.36
C TYR B 140 -5.71 6.74 22.10
N ARG B 141 -6.56 7.75 22.26
CA ARG B 141 -7.23 8.36 21.12
C ARG B 141 -6.18 9.10 20.30
N GLY B 142 -6.35 9.11 18.99
CA GLY B 142 -5.38 9.71 18.08
C GLY B 142 -4.31 8.73 17.63
N LYS B 143 -4.12 7.66 18.42
CA LYS B 143 -3.06 6.69 18.15
C LYS B 143 -3.54 5.45 17.37
N ASP B 144 -4.82 5.46 16.99
CA ASP B 144 -5.41 4.45 16.10
C ASP B 144 -5.11 3.00 16.55
N LEU B 145 -5.39 2.69 17.81
CA LEU B 145 -5.16 1.31 18.28
C LEU B 145 -6.34 0.44 17.85
N GLN B 146 -6.40 0.16 16.55
CA GLN B 146 -7.53 -0.55 15.96
C GLN B 146 -7.11 -1.91 15.44
N GLU B 147 -8.06 -2.84 15.34
CA GLU B 147 -7.77 -4.20 14.87
C GLU B 147 -6.53 -4.70 15.61
N ASN B 148 -5.56 -5.26 14.90
CA ASN B 148 -4.30 -5.74 15.48
C ASN B 148 -3.10 -5.09 14.80
N TYR B 149 -3.23 -3.81 14.47
CA TYR B 149 -2.18 -3.11 13.74
C TYR B 149 -0.98 -2.76 14.63
N CYS B 150 0.21 -2.88 14.03
CA CYS B 150 1.46 -2.43 14.66
C CYS B 150 1.37 -0.93 14.94
N ARG B 151 1.61 -0.55 16.20
CA ARG B 151 1.52 0.86 16.60
C ARG B 151 2.61 1.19 17.62
N ASN B 152 2.88 2.47 17.77
CA ASN B 152 3.85 2.94 18.78
C ASN B 152 3.19 4.08 19.58
N PRO B 153 2.14 3.74 20.36
CA PRO B 153 1.28 4.72 21.02
C PRO B 153 2.01 5.67 21.98
N ARG B 154 3.10 5.21 22.58
CA ARG B 154 3.89 6.04 23.50
C ARG B 154 5.19 6.60 22.88
N GLY B 155 5.42 6.30 21.61
CA GLY B 155 6.57 6.84 20.88
C GLY B 155 7.92 6.35 21.35
N GLU B 156 7.97 5.07 21.71
CA GLU B 156 9.18 4.47 22.25
C GLU B 156 10.20 4.15 21.15
N GLU B 157 11.47 4.04 21.56
CA GLU B 157 12.59 4.00 20.63
C GLU B 157 12.57 2.86 19.60
N GLY B 158 11.80 1.82 19.88
CA GLY B 158 11.80 0.63 19.04
C GLY B 158 10.96 0.68 17.77
N GLY B 159 10.10 1.68 17.66
CA GLY B 159 9.20 1.77 16.50
C GLY B 159 7.91 1.01 16.80
N PRO B 160 7.01 0.94 15.79
CA PRO B 160 5.73 0.27 15.97
C PRO B 160 5.90 -1.19 16.41
N TRP B 161 4.98 -1.65 17.25
CA TRP B 161 5.06 -2.95 17.89
C TRP B 161 3.64 -3.42 18.15
N CYS B 162 3.50 -4.63 18.66
CA CYS B 162 2.19 -5.08 19.10
C CYS B 162 2.34 -6.18 20.14
N PHE B 163 1.30 -6.35 20.96
CA PHE B 163 1.16 -7.59 21.70
C PHE B 163 0.95 -8.70 20.67
N THR B 164 1.49 -9.87 20.98
CA THR B 164 1.64 -10.97 20.05
C THR B 164 0.59 -12.08 20.28
N SER B 165 0.17 -12.78 19.23
CA SER B 165 -0.80 -13.89 19.39
C SER B 165 -0.17 -15.19 19.94
N ASN B 166 1.15 -15.21 20.04
CA ASN B 166 1.86 -16.31 20.69
C ASN B 166 1.90 -16.03 22.20
N PRO B 167 1.29 -16.92 23.01
CA PRO B 167 1.29 -16.74 24.46
C PRO B 167 2.69 -16.62 25.08
N GLU B 168 3.70 -17.18 24.42
CA GLU B 168 5.07 -17.15 24.92
C GLU B 168 5.82 -15.85 24.66
N VAL B 169 5.27 -15.00 23.77
CA VAL B 169 5.91 -13.74 23.41
C VAL B 169 4.93 -12.58 23.67
N ARG B 170 5.09 -11.90 24.80
CA ARG B 170 4.15 -10.83 25.18
C ARG B 170 4.04 -9.74 24.10
N TYR B 171 5.18 -9.21 23.65
CA TYR B 171 5.16 -8.23 22.57
C TYR B 171 6.42 -8.34 21.74
N GLU B 172 6.34 -7.83 20.51
CA GLU B 172 7.51 -7.73 19.64
C GLU B 172 7.34 -6.53 18.71
N VAL B 173 8.46 -5.88 18.36
CA VAL B 173 8.46 -4.83 17.33
C VAL B 173 8.08 -5.40 15.97
N CYS B 174 7.51 -4.53 15.14
CA CYS B 174 7.24 -4.89 13.74
C CYS B 174 8.34 -4.34 12.86
N ASP B 175 8.42 -4.87 11.64
CA ASP B 175 9.52 -4.60 10.71
C ASP B 175 9.12 -3.58 9.63
N ILE B 176 8.80 -2.36 10.04
CA ILE B 176 8.27 -1.37 9.09
C ILE B 176 9.36 -0.34 8.74
N PRO B 177 9.64 -0.15 7.43
CA PRO B 177 10.81 0.64 7.06
C PRO B 177 10.65 2.14 7.29
N GLN B 178 11.76 2.82 7.58
CA GLN B 178 11.79 4.28 7.62
C GLN B 178 11.49 4.81 6.24
N CYS B 179 10.73 5.91 6.16
CA CYS B 179 10.50 6.55 4.85
C CYS B 179 11.81 7.03 4.21
N SER B 180 12.68 7.63 5.01
CA SER B 180 13.96 8.17 4.52
C SER B 180 15.05 8.07 5.59
N GLU B 181 16.08 7.29 5.30
CA GLU B 181 17.26 7.18 6.14
C GLU B 181 18.45 6.86 5.25
N VAL B 182 19.29 7.87 5.04
CA VAL B 182 20.42 7.75 4.12
C VAL B 182 21.74 7.68 4.90
#